data_7E38
#
_entry.id   7E38
#
_cell.length_a   100.763
_cell.length_b   100.763
_cell.length_c   172.602
_cell.angle_alpha   90.000
_cell.angle_beta   90.000
_cell.angle_gamma   120.000
#
_symmetry.space_group_name_H-M   'P 31 2 1'
#
loop_
_entity.id
_entity.type
_entity.pdbx_description
1 polymer 'Deoxypodophyllotoxin synthase'
2 non-polymer 'FE (III) ION'
3 non-polymer 'SUCCINIC ACID'
4 non-polymer (3~{S},4~{S})-4-(1,3-benzodioxol-5-ylmethyl)-3-[(3,4,5-trimethoxyphenyl)methyl]oxolan-2-one
5 non-polymer (3~{R},4~{R})-4-(1,3-benzodioxol-5-ylmethyl)-3-[(3,4,5-trimethoxyphenyl)methyl]oxolan-2-one
6 water water
#
_entity_poly.entity_id   1
_entity_poly.type   'polypeptide(L)'
_entity_poly.pdbx_seq_one_letter_code
;MGSTAPLRLPVIDLSMKNLKPGTTSWNSVRTQVREALEEYGCFEAVIDAVSPELQKAVCNKGHELLNLPLETKMLNGNKP
EYDGFTSIPNLNEGMGVGRITDLEKVERFTNLMWPEGNKDFCETVYSYGKRMAEVDHILKMMVFESFGMEKHFDSFCEST
NYLLHFMRYQQPGKDGRSPALSLHKDKSILTIVNQNDVKGLEFETKDGEWILPTADNHIVLLGDCFMAWSNGRLHSPLHR
VTLVANQARLSTSSFSFPKDIIETPAELVDEEHPLLFNPFEITELLAYCFTKEGAKAVCDLKQYKAYTGALEHHHHHH
;
_entity_poly.pdbx_strand_id   A,B
#
# COMPACT_ATOMS: atom_id res chain seq x y z
N PRO A 6 -5.05 15.28 -0.95
CA PRO A 6 -4.91 14.75 0.41
C PRO A 6 -3.56 14.04 0.62
N LEU A 7 -2.80 14.52 1.59
CA LEU A 7 -1.48 13.97 1.85
C LEU A 7 -1.58 12.54 2.39
N ARG A 8 -0.57 11.73 2.09
CA ARG A 8 -0.52 10.36 2.57
C ARG A 8 0.94 9.94 2.74
N LEU A 9 1.20 9.16 3.78
CA LEU A 9 2.54 8.60 3.96
C LEU A 9 2.90 7.72 2.77
N PRO A 10 4.19 7.52 2.51
CA PRO A 10 4.60 6.51 1.52
C PRO A 10 4.09 5.14 1.94
N VAL A 11 3.71 4.34 0.95
CA VAL A 11 3.19 2.99 1.17
C VAL A 11 4.22 2.01 0.62
N ILE A 12 4.83 1.22 1.50
CA ILE A 12 5.93 0.34 1.15
C ILE A 12 5.50 -1.10 1.37
N ASP A 13 5.82 -1.96 0.40
CA ASP A 13 5.45 -3.37 0.44
C ASP A 13 6.58 -4.15 1.11
N LEU A 14 6.37 -4.52 2.37
CA LEU A 14 7.35 -5.30 3.13
C LEU A 14 6.99 -6.78 3.19
N SER A 15 6.21 -7.29 2.23
CA SER A 15 5.90 -8.71 2.19
CA SER A 15 5.91 -8.72 2.20
C SER A 15 7.20 -9.52 2.15
N MET A 16 7.17 -10.69 2.79
CA MET A 16 8.38 -11.50 2.92
C MET A 16 8.97 -11.87 1.57
N LYS A 17 8.14 -11.95 0.52
CA LYS A 17 8.65 -12.24 -0.82
C LYS A 17 9.57 -11.14 -1.33
N ASN A 18 9.55 -9.95 -0.72
CA ASN A 18 10.42 -8.85 -1.13
C ASN A 18 11.68 -8.72 -0.29
N LEU A 19 11.83 -9.50 0.77
CA LEU A 19 12.87 -9.29 1.76
C LEU A 19 13.98 -10.34 1.69
N LYS A 20 14.31 -10.79 0.47
CA LYS A 20 15.43 -11.69 0.29
C LYS A 20 16.67 -10.86 -0.03
N PRO A 21 17.68 -10.85 0.84
CA PRO A 21 18.84 -9.98 0.60
C PRO A 21 19.52 -10.26 -0.73
N GLY A 22 20.10 -9.21 -1.31
CA GLY A 22 20.81 -9.31 -2.56
C GLY A 22 19.94 -9.34 -3.79
N THR A 23 18.62 -9.29 -3.66
CA THR A 23 17.71 -9.37 -4.78
C THR A 23 17.28 -7.98 -5.25
N THR A 24 16.67 -7.95 -6.43
CA THR A 24 16.19 -6.70 -7.01
C THR A 24 15.14 -6.05 -6.11
N SER A 25 14.20 -6.85 -5.59
CA SER A 25 13.14 -6.30 -4.75
C SER A 25 13.68 -5.80 -3.41
N TRP A 26 14.70 -6.47 -2.87
CA TRP A 26 15.33 -5.99 -1.65
C TRP A 26 15.92 -4.60 -1.86
N ASN A 27 16.62 -4.39 -2.98
CA ASN A 27 17.25 -3.10 -3.24
C ASN A 27 16.21 -2.01 -3.43
N SER A 28 15.11 -2.30 -4.13
CA SER A 28 14.11 -1.28 -4.39
C SER A 28 13.35 -0.93 -3.12
N VAL A 29 13.10 -1.92 -2.25
CA VAL A 29 12.47 -1.64 -0.96
C VAL A 29 13.41 -0.85 -0.07
N ARG A 30 14.70 -1.20 -0.05
CA ARG A 30 15.67 -0.47 0.76
C ARG A 30 15.71 1.00 0.37
N THR A 31 15.71 1.28 -0.93
CA THR A 31 15.71 2.67 -1.37
C THR A 31 14.47 3.40 -0.88
N GLN A 32 13.30 2.75 -0.95
CA GLN A 32 12.07 3.41 -0.54
C GLN A 32 12.02 3.60 0.97
N VAL A 33 12.52 2.62 1.74
CA VAL A 33 12.57 2.76 3.19
C VAL A 33 13.44 3.94 3.58
N ARG A 34 14.63 4.04 2.95
CA ARG A 34 15.54 5.13 3.27
C ARG A 34 14.93 6.49 2.93
N GLU A 35 14.33 6.60 1.74
CA GLU A 35 13.72 7.86 1.33
C GLU A 35 12.58 8.25 2.26
N ALA A 36 11.76 7.27 2.65
CA ALA A 36 10.62 7.58 3.50
C ALA A 36 11.06 7.98 4.91
N LEU A 37 12.04 7.27 5.48
CA LEU A 37 12.49 7.60 6.82
C LEU A 37 13.30 8.89 6.87
N GLU A 38 13.85 9.31 5.72
CA GLU A 38 14.56 10.58 5.65
C GLU A 38 13.61 11.77 5.59
N GLU A 39 12.56 11.67 4.78
CA GLU A 39 11.64 12.79 4.57
C GLU A 39 10.47 12.77 5.55
N TYR A 40 9.76 11.64 5.65
CA TYR A 40 8.61 11.56 6.54
C TYR A 40 8.96 11.01 7.92
N GLY A 41 10.00 10.18 8.01
CA GLY A 41 10.28 9.50 9.26
C GLY A 41 9.35 8.36 9.57
N CYS A 42 8.50 7.95 8.64
CA CYS A 42 7.51 6.92 8.85
C CYS A 42 6.93 6.53 7.50
N PHE A 43 6.20 5.42 7.47
CA PHE A 43 5.52 5.01 6.25
C PHE A 43 4.51 3.93 6.57
N GLU A 44 3.47 3.84 5.74
CA GLU A 44 2.58 2.69 5.78
C GLU A 44 3.32 1.48 5.20
N ALA A 45 3.12 0.33 5.83
CA ALA A 45 3.85 -0.88 5.47
C ALA A 45 2.89 -2.05 5.33
N VAL A 46 3.01 -2.78 4.23
CA VAL A 46 2.33 -4.05 4.05
C VAL A 46 3.23 -5.11 4.65
N ILE A 47 2.79 -5.74 5.75
CA ILE A 47 3.59 -6.70 6.48
C ILE A 47 2.81 -8.00 6.57
N ASP A 48 3.38 -9.09 6.06
CA ASP A 48 2.75 -10.41 6.11
C ASP A 48 3.54 -11.38 6.98
N ALA A 49 4.54 -10.90 7.72
CA ALA A 49 5.25 -11.77 8.65
C ALA A 49 4.34 -12.29 9.75
N VAL A 50 3.25 -11.60 10.02
CA VAL A 50 2.25 -12.03 11.00
C VAL A 50 0.95 -12.28 10.25
N SER A 51 0.42 -13.50 10.37
CA SER A 51 -0.83 -13.84 9.73
C SER A 51 -1.96 -12.95 10.27
N PRO A 52 -3.03 -12.76 9.49
CA PRO A 52 -4.19 -12.04 10.03
C PRO A 52 -4.74 -12.70 11.28
N GLU A 53 -4.72 -14.03 11.35
CA GLU A 53 -5.22 -14.72 12.53
C GLU A 53 -4.39 -14.40 13.76
N LEU A 54 -3.07 -14.39 13.63
CA LEU A 54 -2.22 -14.04 14.77
C LEU A 54 -2.39 -12.57 15.16
N GLN A 55 -2.61 -11.69 14.17
CA GLN A 55 -2.81 -10.28 14.49
CA GLN A 55 -2.83 -10.28 14.46
C GLN A 55 -4.05 -10.08 15.35
N LYS A 56 -5.16 -10.74 14.99
CA LYS A 56 -6.37 -10.60 15.80
C LYS A 56 -6.23 -11.29 17.14
N ALA A 57 -5.50 -12.40 17.20
CA ALA A 57 -5.26 -13.06 18.48
C ALA A 57 -4.47 -12.17 19.43
N VAL A 58 -3.44 -11.50 18.91
CA VAL A 58 -2.65 -10.58 19.73
C VAL A 58 -3.52 -9.41 20.21
N CYS A 59 -4.38 -8.91 19.32
CA CYS A 59 -5.35 -7.89 19.73
C CYS A 59 -6.21 -8.39 20.89
N ASN A 60 -6.69 -9.64 20.80
CA ASN A 60 -7.48 -10.21 21.89
C ASN A 60 -6.66 -10.33 23.17
N LYS A 61 -5.38 -10.69 23.06
CA LYS A 61 -4.53 -10.78 24.24
C LYS A 61 -4.31 -9.40 24.87
N GLY A 62 -4.22 -8.36 24.03
CA GLY A 62 -4.11 -7.01 24.57
C GLY A 62 -5.33 -6.62 25.39
N HIS A 63 -6.52 -6.94 24.89
CA HIS A 63 -7.74 -6.67 25.65
C HIS A 63 -7.76 -7.51 26.93
N GLU A 64 -7.37 -8.78 26.84
CA GLU A 64 -7.38 -9.64 28.01
C GLU A 64 -6.43 -9.12 29.08
N LEU A 65 -5.27 -8.62 28.68
CA LEU A 65 -4.32 -8.07 29.63
C LEU A 65 -4.84 -6.78 30.27
N LEU A 66 -5.34 -5.86 29.44
CA LEU A 66 -5.77 -4.58 29.97
C LEU A 66 -7.08 -4.67 30.75
N ASN A 67 -7.83 -5.77 30.57
CA ASN A 67 -9.03 -6.00 31.38
C ASN A 67 -8.70 -6.41 32.81
N LEU A 68 -7.45 -6.72 33.11
CA LEU A 68 -7.07 -7.17 34.44
C LEU A 68 -7.26 -6.05 35.47
N PRO A 69 -7.40 -6.39 36.75
CA PRO A 69 -7.54 -5.36 37.78
C PRO A 69 -6.31 -4.48 37.86
N LEU A 70 -6.52 -3.24 38.31
CA LEU A 70 -5.44 -2.26 38.39
C LEU A 70 -4.26 -2.78 39.20
N GLU A 71 -4.53 -3.37 40.37
CA GLU A 71 -3.45 -3.82 41.24
C GLU A 71 -2.66 -4.97 40.62
N THR A 72 -3.29 -5.77 39.77
CA THR A 72 -2.56 -6.83 39.08
C THR A 72 -1.62 -6.24 38.04
N LYS A 73 -2.11 -5.29 37.23
CA LYS A 73 -1.27 -4.68 36.22
C LYS A 73 -0.13 -3.88 36.84
N MET A 74 -0.36 -3.27 38.01
CA MET A 74 0.71 -2.54 38.68
C MET A 74 1.85 -3.44 39.15
N LEU A 75 1.64 -4.75 39.20
CA LEU A 75 2.74 -5.67 39.52
C LEU A 75 3.84 -5.62 38.47
N ASN A 76 3.53 -5.17 37.25
CA ASN A 76 4.54 -5.04 36.20
C ASN A 76 5.52 -3.92 36.44
N GLY A 77 5.37 -3.14 37.52
CA GLY A 77 6.35 -2.16 37.90
C GLY A 77 5.85 -0.74 37.71
N ASN A 78 6.73 0.21 38.05
CA ASN A 78 6.42 1.62 38.06
C ASN A 78 7.27 2.36 37.04
N LYS A 79 7.52 1.74 35.88
CA LYS A 79 8.27 2.36 34.79
C LYS A 79 7.35 2.52 33.59
N PRO A 80 6.45 3.49 33.62
CA PRO A 80 5.56 3.72 32.47
C PRO A 80 6.29 4.12 31.22
N GLU A 81 7.53 4.63 31.33
CA GLU A 81 8.31 4.97 30.15
C GLU A 81 8.66 3.76 29.31
N TYR A 82 8.43 2.54 29.81
CA TYR A 82 8.76 1.33 29.07
C TYR A 82 7.57 0.39 29.05
N ASP A 83 7.31 -0.30 30.17
CA ASP A 83 6.27 -1.32 30.22
C ASP A 83 5.24 -1.11 31.32
N GLY A 84 5.41 -0.11 32.18
CA GLY A 84 4.50 0.07 33.29
C GLY A 84 3.12 0.51 32.85
N PHE A 85 2.12 0.10 33.62
CA PHE A 85 0.74 0.47 33.32
C PHE A 85 0.51 1.95 33.57
N THR A 86 -0.22 2.59 32.66
CA THR A 86 -0.69 3.95 32.82
C THR A 86 -2.15 4.04 32.40
N SER A 87 -2.83 5.07 32.91
CA SER A 87 -4.18 5.35 32.47
C SER A 87 -4.49 6.81 32.75
N ILE A 88 -5.33 7.38 31.90
CA ILE A 88 -5.93 8.69 32.11
C ILE A 88 -7.43 8.47 32.21
N PRO A 89 -8.08 8.91 33.29
CA PRO A 89 -9.49 8.58 33.49
C PRO A 89 -10.35 9.00 32.31
N ASN A 90 -11.21 8.07 31.87
CA ASN A 90 -12.16 8.30 30.79
C ASN A 90 -11.48 8.58 29.46
N LEU A 91 -10.21 8.21 29.30
CA LEU A 91 -9.49 8.53 28.06
C LEU A 91 -8.72 7.34 27.51
N ASN A 92 -7.67 6.87 28.20
CA ASN A 92 -6.85 5.80 27.68
C ASN A 92 -6.24 4.98 28.80
N GLU A 93 -5.61 3.88 28.42
CA GLU A 93 -4.88 3.01 29.33
C GLU A 93 -3.96 2.14 28.51
N GLY A 94 -2.87 1.69 29.13
CA GLY A 94 -1.95 0.83 28.42
C GLY A 94 -0.83 0.35 29.31
N MET A 95 -0.09 -0.62 28.78
CA MET A 95 1.09 -1.19 29.43
C MET A 95 1.81 -2.03 28.38
N GLY A 96 2.97 -2.56 28.76
CA GLY A 96 3.78 -3.33 27.83
C GLY A 96 4.26 -4.64 28.44
N VAL A 97 4.60 -5.56 27.56
CA VAL A 97 5.30 -6.79 27.92
C VAL A 97 6.76 -6.56 27.58
N GLY A 98 7.59 -6.32 28.60
CA GLY A 98 8.99 -6.04 28.36
C GLY A 98 9.75 -7.27 27.91
N ARG A 99 10.75 -7.03 27.06
CA ARG A 99 11.64 -8.07 26.55
C ARG A 99 10.86 -9.23 25.94
N ILE A 100 10.02 -8.87 24.96
CA ILE A 100 9.06 -9.81 24.38
C ILE A 100 9.76 -10.95 23.63
N THR A 101 11.01 -10.79 23.23
CA THR A 101 11.75 -11.82 22.52
C THR A 101 12.49 -12.77 23.47
N ASP A 102 12.41 -12.55 24.77
CA ASP A 102 13.05 -13.42 25.77
C ASP A 102 11.94 -14.29 26.36
N LEU A 103 11.89 -15.56 25.92
CA LEU A 103 10.79 -16.44 26.30
C LEU A 103 10.68 -16.59 27.82
N GLU A 104 11.83 -16.61 28.51
CA GLU A 104 11.81 -16.75 29.96
C GLU A 104 11.15 -15.55 30.63
N LYS A 105 11.41 -14.34 30.12
CA LYS A 105 10.78 -13.16 30.69
C LYS A 105 9.29 -13.12 30.36
N VAL A 106 8.91 -13.57 29.16
CA VAL A 106 7.50 -13.60 28.79
C VAL A 106 6.75 -14.59 29.65
N GLU A 107 7.32 -15.78 29.86
CA GLU A 107 6.73 -16.75 30.78
C GLU A 107 6.57 -16.17 32.17
N ARG A 108 7.62 -15.50 32.66
CA ARG A 108 7.56 -14.89 33.99
C ARG A 108 6.48 -13.83 34.06
N PHE A 109 6.39 -12.97 33.03
CA PHE A 109 5.33 -11.96 33.01
C PHE A 109 3.95 -12.61 33.03
N THR A 110 3.76 -13.64 32.21
CA THR A 110 2.44 -14.26 32.09
C THR A 110 1.99 -14.86 33.42
N ASN A 111 2.91 -15.52 34.14
CA ASN A 111 2.56 -16.10 35.42
C ASN A 111 2.40 -15.05 36.51
N LEU A 112 3.03 -13.88 36.36
CA LEU A 112 2.81 -12.79 37.30
C LEU A 112 1.39 -12.24 37.17
N MET A 113 0.89 -12.14 35.94
CA MET A 113 -0.46 -11.64 35.72
C MET A 113 -1.51 -12.72 35.97
N TRP A 114 -1.20 -13.97 35.64
CA TRP A 114 -2.11 -15.10 35.81
C TRP A 114 -1.36 -16.19 36.56
N PRO A 115 -1.39 -16.18 37.90
CA PRO A 115 -0.67 -17.21 38.66
C PRO A 115 -1.08 -18.63 38.31
N GLU A 116 -2.32 -18.83 37.85
CA GLU A 116 -2.74 -20.15 37.39
C GLU A 116 -2.17 -20.51 36.02
N GLY A 117 -1.47 -19.59 35.37
CA GLY A 117 -0.96 -19.85 34.04
C GLY A 117 -1.90 -19.39 32.95
N ASN A 118 -1.31 -19.01 31.82
CA ASN A 118 -2.07 -18.55 30.66
C ASN A 118 -1.22 -18.86 29.42
N LYS A 119 -1.21 -20.13 29.04
CA LYS A 119 -0.33 -20.58 27.96
C LYS A 119 -0.68 -19.91 26.64
N ASP A 120 -1.98 -19.71 26.37
CA ASP A 120 -2.36 -19.09 25.11
C ASP A 120 -1.85 -17.66 25.02
N PHE A 121 -1.88 -16.92 26.13
CA PHE A 121 -1.34 -15.57 26.13
C PHE A 121 0.16 -15.58 25.86
N CYS A 122 0.89 -16.43 26.58
CA CYS A 122 2.35 -16.45 26.47
C CYS A 122 2.79 -16.85 25.06
N GLU A 123 2.19 -17.90 24.50
CA GLU A 123 2.60 -18.37 23.18
C GLU A 123 2.25 -17.35 22.10
N THR A 124 1.11 -16.68 22.24
CA THR A 124 0.67 -15.73 21.21
C THR A 124 1.56 -14.50 21.17
N VAL A 125 1.74 -13.83 22.32
CA VAL A 125 2.51 -12.58 22.31
C VAL A 125 3.98 -12.84 22.03
N TYR A 126 4.51 -14.00 22.44
CA TYR A 126 5.90 -14.32 22.14
C TYR A 126 6.08 -14.56 20.65
N SER A 127 5.17 -15.30 20.02
CA SER A 127 5.27 -15.55 18.59
C SER A 127 5.18 -14.25 17.80
N TYR A 128 4.32 -13.33 18.24
CA TYR A 128 4.17 -12.05 17.55
C TYR A 128 5.42 -11.19 17.73
N GLY A 129 5.95 -11.11 18.94
CA GLY A 129 7.14 -10.31 19.18
C GLY A 129 8.34 -10.82 18.40
N LYS A 130 8.47 -12.15 18.27
CA LYS A 130 9.56 -12.71 17.49
C LYS A 130 9.45 -12.33 16.01
N ARG A 131 8.23 -12.40 15.46
CA ARG A 131 8.04 -12.13 14.04
C ARG A 131 8.24 -10.65 13.73
N MET A 132 7.77 -9.76 14.61
CA MET A 132 7.97 -8.34 14.37
C MET A 132 9.42 -7.94 14.60
N ALA A 133 10.12 -8.62 15.51
CA ALA A 133 11.54 -8.36 15.67
C ALA A 133 12.33 -8.69 14.42
N GLU A 134 11.90 -9.71 13.67
CA GLU A 134 12.57 -10.05 12.42
C GLU A 134 12.35 -8.96 11.38
N VAL A 135 11.15 -8.39 11.32
CA VAL A 135 10.90 -7.27 10.43
C VAL A 135 11.74 -6.06 10.84
N ASP A 136 11.77 -5.78 12.15
CA ASP A 136 12.62 -4.71 12.66
C ASP A 136 14.07 -4.91 12.28
N HIS A 137 14.57 -6.16 12.40
CA HIS A 137 15.96 -6.43 12.06
C HIS A 137 16.25 -6.16 10.59
N ILE A 138 15.33 -6.57 9.70
CA ILE A 138 15.54 -6.36 8.27
C ILE A 138 15.54 -4.88 7.94
N LEU A 139 14.63 -4.12 8.54
CA LEU A 139 14.55 -2.69 8.26
C LEU A 139 15.82 -1.96 8.70
N LYS A 140 16.33 -2.31 9.89
CA LYS A 140 17.59 -1.71 10.34
C LYS A 140 18.73 -2.09 9.40
N MET A 141 18.71 -3.32 8.88
CA MET A 141 19.77 -3.76 7.99
C MET A 141 19.75 -2.97 6.69
N MET A 142 18.55 -2.70 6.15
CA MET A 142 18.47 -1.88 4.94
C MET A 142 18.93 -0.46 5.20
N VAL A 143 18.56 0.12 6.35
CA VAL A 143 18.98 1.48 6.66
C VAL A 143 20.50 1.56 6.77
N PHE A 144 21.11 0.59 7.46
CA PHE A 144 22.57 0.57 7.57
C PHE A 144 23.22 0.45 6.20
N GLU A 145 22.65 -0.38 5.32
CA GLU A 145 23.19 -0.51 3.98
C GLU A 145 23.08 0.79 3.19
N SER A 146 21.96 1.51 3.35
CA SER A 146 21.77 2.76 2.63
C SER A 146 22.78 3.82 3.02
N PHE A 147 23.34 3.73 4.23
CA PHE A 147 24.40 4.63 4.67
C PHE A 147 25.78 4.03 4.49
N GLY A 148 25.88 2.83 3.94
CA GLY A 148 27.17 2.17 3.79
C GLY A 148 27.81 1.73 5.09
N MET A 149 27.01 1.48 6.13
CA MET A 149 27.53 1.15 7.46
C MET A 149 27.31 -0.32 7.82
N GLU A 150 27.38 -1.21 6.83
CA GLU A 150 27.20 -2.64 7.10
C GLU A 150 28.20 -3.15 8.14
N LYS A 151 29.40 -2.57 8.19
CA LYS A 151 30.42 -3.05 9.11
C LYS A 151 30.08 -2.77 10.57
N HIS A 152 29.13 -1.87 10.83
CA HIS A 152 28.69 -1.56 12.19
C HIS A 152 27.38 -2.25 12.56
N PHE A 153 26.79 -3.00 11.65
CA PHE A 153 25.42 -3.49 11.85
C PHE A 153 25.34 -4.53 12.96
N ASP A 154 26.27 -5.49 12.96
CA ASP A 154 26.18 -6.60 13.91
C ASP A 154 26.34 -6.11 15.35
N SER A 155 27.28 -5.18 15.59
CA SER A 155 27.47 -4.67 16.94
C SER A 155 26.28 -3.84 17.40
N PHE A 156 25.66 -3.10 16.48
CA PHE A 156 24.51 -2.28 16.83
C PHE A 156 23.31 -3.12 17.24
N CYS A 157 23.16 -4.30 16.65
CA CYS A 157 22.02 -5.18 16.92
C CYS A 157 22.27 -6.13 18.08
N GLU A 158 23.47 -6.16 18.64
CA GLU A 158 23.75 -7.07 19.75
C GLU A 158 22.91 -6.72 20.96
N SER A 159 22.17 -7.72 21.46
CA SER A 159 21.35 -7.58 22.66
C SER A 159 20.30 -6.49 22.52
N THR A 160 19.71 -6.39 21.33
CA THR A 160 18.62 -5.44 21.12
C THR A 160 17.44 -5.78 22.03
N ASN A 161 16.89 -4.75 22.66
CA ASN A 161 15.73 -4.89 23.54
C ASN A 161 14.45 -4.66 22.75
N TYR A 162 13.51 -5.59 22.85
CA TYR A 162 12.25 -5.51 22.14
C TYR A 162 11.08 -5.41 23.11
N LEU A 163 10.14 -4.53 22.80
CA LEU A 163 9.00 -4.27 23.66
C LEU A 163 7.71 -4.44 22.87
N LEU A 164 6.73 -5.09 23.48
CA LEU A 164 5.38 -5.18 22.95
C LEU A 164 4.48 -4.34 23.85
N HIS A 165 3.80 -3.35 23.27
CA HIS A 165 3.04 -2.38 24.05
C HIS A 165 1.62 -2.27 23.52
N PHE A 166 0.65 -2.25 24.44
CA PHE A 166 -0.75 -2.11 24.11
C PHE A 166 -1.26 -0.79 24.68
N MET A 167 -2.02 -0.05 23.88
CA MET A 167 -2.76 1.10 24.36
C MET A 167 -4.21 0.98 23.92
N ARG A 168 -5.13 1.18 24.86
CA ARG A 168 -6.56 1.11 24.60
C ARG A 168 -7.19 2.47 24.88
N TYR A 169 -8.10 2.87 24.00
CA TYR A 169 -8.77 4.17 24.08
C TYR A 169 -10.27 3.93 24.09
N GLN A 170 -10.94 4.40 25.13
CA GLN A 170 -12.37 4.15 25.23
C GLN A 170 -13.12 5.03 24.24
N GLN A 171 -14.33 4.57 23.89
CA GLN A 171 -15.23 5.27 23.00
C GLN A 171 -15.32 6.75 23.37
N PRO A 172 -15.03 7.67 22.46
CA PRO A 172 -15.03 9.10 22.81
C PRO A 172 -16.42 9.67 23.09
N GLY A 173 -17.48 8.94 22.74
CA GLY A 173 -18.82 9.44 22.98
C GLY A 173 -19.30 10.50 22.01
N LYS A 174 -18.59 10.70 20.91
CA LYS A 174 -18.95 11.70 19.92
C LYS A 174 -18.18 11.42 18.64
N ASP A 175 -18.72 11.89 17.52
CA ASP A 175 -18.01 11.85 16.26
C ASP A 175 -17.11 13.07 16.15
N GLY A 176 -16.42 13.20 15.03
CA GLY A 176 -15.44 14.26 14.89
C GLY A 176 -14.15 13.90 15.60
N ARG A 177 -13.30 14.91 15.74
CA ARG A 177 -11.95 14.71 16.25
C ARG A 177 -11.94 14.71 17.78
N SER A 178 -11.37 13.67 18.37
CA SER A 178 -11.25 13.54 19.82
C SER A 178 -9.80 13.22 20.15
N PRO A 179 -9.02 14.20 20.64
CA PRO A 179 -7.64 13.91 21.04
C PRO A 179 -7.59 12.80 22.07
N ALA A 180 -6.66 11.87 21.86
CA ALA A 180 -6.59 10.66 22.69
C ALA A 180 -5.21 10.33 23.23
N LEU A 181 -4.14 10.78 22.59
CA LEU A 181 -2.79 10.57 23.12
C LEU A 181 -1.95 11.79 22.76
N SER A 182 -1.13 12.24 23.71
CA SER A 182 -0.41 13.49 23.57
CA SER A 182 -0.41 13.49 23.56
C SER A 182 0.74 13.35 22.57
N LEU A 183 1.10 14.48 21.95
CA LEU A 183 2.17 14.55 20.98
C LEU A 183 3.49 14.12 21.60
N HIS A 184 4.30 13.40 20.82
CA HIS A 184 5.60 12.94 21.30
C HIS A 184 6.39 12.39 20.11
N LYS A 185 7.69 12.22 20.34
CA LYS A 185 8.54 11.41 19.49
C LYS A 185 8.87 10.13 20.24
N ASP A 186 8.87 9.01 19.52
CA ASP A 186 9.29 7.76 20.16
C ASP A 186 10.79 7.79 20.43
N LYS A 187 11.18 7.16 21.54
CA LYS A 187 12.59 7.01 21.89
C LYS A 187 13.13 5.65 21.50
N SER A 188 12.46 4.96 20.58
CA SER A 188 12.88 3.65 20.11
C SER A 188 13.94 3.80 19.02
N ILE A 189 14.39 2.66 18.51
CA ILE A 189 15.08 2.65 17.22
C ILE A 189 14.06 2.69 16.08
N LEU A 190 13.19 1.69 16.04
CA LEU A 190 12.02 1.69 15.17
C LEU A 190 10.80 1.27 15.98
N THR A 191 9.63 1.75 15.54
CA THR A 191 8.36 1.34 16.12
C THR A 191 7.47 0.85 14.99
N ILE A 192 6.84 -0.31 15.18
CA ILE A 192 5.90 -0.86 14.21
C ILE A 192 4.55 -0.98 14.87
N VAL A 193 3.54 -0.35 14.28
CA VAL A 193 2.23 -0.18 14.88
C VAL A 193 1.19 -0.90 14.04
N ASN A 194 0.26 -1.59 14.70
CA ASN A 194 -0.95 -2.10 14.08
C ASN A 194 -2.14 -1.48 14.80
N GLN A 195 -2.98 -0.77 14.06
CA GLN A 195 -4.09 -0.03 14.65
C GLN A 195 -5.33 -0.88 14.87
N ASN A 196 -5.29 -2.17 14.53
CA ASN A 196 -6.40 -3.09 14.74
C ASN A 196 -7.71 -2.53 14.21
N ASP A 197 -7.65 -1.97 13.00
CA ASP A 197 -8.79 -1.53 12.19
C ASP A 197 -9.45 -0.24 12.65
N VAL A 198 -8.87 0.50 13.60
CA VAL A 198 -9.43 1.77 14.03
C VAL A 198 -8.31 2.80 13.98
N LYS A 199 -8.43 3.77 13.06
CA LYS A 199 -7.37 4.73 12.86
C LYS A 199 -7.37 5.78 13.97
N GLY A 200 -6.32 6.60 13.97
CA GLY A 200 -6.16 7.63 14.99
C GLY A 200 -4.74 8.14 15.11
N LEU A 201 -3.77 7.27 14.86
CA LEU A 201 -2.37 7.69 14.82
C LEU A 201 -2.19 8.76 13.76
N GLU A 202 -1.54 9.86 14.15
CA GLU A 202 -1.49 11.06 13.33
C GLU A 202 -0.10 11.66 13.41
N PHE A 203 0.50 11.95 12.24
CA PHE A 203 1.87 12.45 12.15
C PHE A 203 1.89 13.89 11.68
N GLU A 204 2.88 14.65 12.15
CA GLU A 204 3.21 15.94 11.58
C GLU A 204 4.39 15.79 10.62
N THR A 205 4.31 16.46 9.49
CA THR A 205 5.39 16.48 8.53
C THR A 205 6.40 17.57 8.89
N LYS A 206 7.55 17.55 8.22
CA LYS A 206 8.55 18.60 8.42
C LYS A 206 7.98 19.97 8.09
N ASP A 207 7.00 20.04 7.19
CA ASP A 207 6.39 21.29 6.77
C ASP A 207 5.18 21.69 7.62
N GLY A 208 4.89 20.95 8.68
CA GLY A 208 3.79 21.32 9.56
C GLY A 208 2.43 20.82 9.15
N GLU A 209 2.34 19.92 8.18
CA GLU A 209 1.07 19.31 7.81
C GLU A 209 0.84 18.06 8.63
N TRP A 210 -0.44 17.72 8.82
CA TRP A 210 -0.84 16.56 9.61
C TRP A 210 -1.35 15.46 8.70
N ILE A 211 -0.89 14.24 8.91
CA ILE A 211 -1.28 13.08 8.11
C ILE A 211 -1.85 12.03 9.05
N LEU A 212 -3.09 11.64 8.82
CA LEU A 212 -3.77 10.60 9.61
C LEU A 212 -4.05 9.42 8.70
N PRO A 213 -3.22 8.37 8.72
CA PRO A 213 -3.44 7.24 7.81
C PRO A 213 -4.71 6.48 8.16
N THR A 214 -5.28 5.84 7.13
CA THR A 214 -6.30 4.84 7.40
C THR A 214 -5.67 3.65 8.13
N ALA A 215 -6.53 2.74 8.58
CA ALA A 215 -6.07 1.52 9.25
C ALA A 215 -5.85 0.38 8.27
N ASP A 216 -5.62 0.69 6.98
CA ASP A 216 -5.43 -0.37 6.00
C ASP A 216 -4.18 -1.21 6.29
N ASN A 217 -3.09 -0.54 6.66
CA ASN A 217 -1.79 -1.19 6.72
C ASN A 217 -1.15 -0.95 8.08
N HIS A 218 -0.02 -1.64 8.30
CA HIS A 218 0.82 -1.33 9.44
C HIS A 218 1.47 0.03 9.25
N ILE A 219 1.96 0.59 10.36
CA ILE A 219 2.73 1.83 10.36
C ILE A 219 4.11 1.54 10.93
N VAL A 220 5.15 1.97 10.23
CA VAL A 220 6.52 1.93 10.72
C VAL A 220 6.96 3.37 10.93
N LEU A 221 7.56 3.67 12.08
CA LEU A 221 8.04 5.01 12.35
C LEU A 221 9.41 4.97 13.01
N LEU A 222 10.18 6.02 12.80
CA LEU A 222 11.52 6.14 13.34
C LEU A 222 11.48 6.71 14.74
N GLY A 223 12.34 6.18 15.62
CA GLY A 223 12.50 6.73 16.95
C GLY A 223 13.76 7.59 17.07
N ASP A 224 13.86 8.29 18.19
CA ASP A 224 14.98 9.21 18.40
C ASP A 224 16.32 8.49 18.46
N CYS A 225 16.32 7.20 18.83
CA CYS A 225 17.58 6.46 18.86
C CYS A 225 18.17 6.31 17.46
N PHE A 226 17.32 6.01 16.47
CA PHE A 226 17.82 5.89 15.11
C PHE A 226 18.15 7.26 14.52
N MET A 227 17.37 8.28 14.88
CA MET A 227 17.68 9.64 14.44
C MET A 227 19.06 10.06 14.95
N ALA A 228 19.33 9.85 16.23
CA ALA A 228 20.61 10.26 16.80
C ALA A 228 21.76 9.45 16.21
N TRP A 229 21.55 8.15 16.01
CA TRP A 229 22.58 7.34 15.36
C TRP A 229 22.90 7.89 13.97
N SER A 230 21.86 8.30 13.23
CA SER A 230 22.06 8.85 11.89
C SER A 230 22.61 10.27 11.90
N ASN A 231 22.87 10.86 13.07
CA ASN A 231 23.31 12.25 13.18
C ASN A 231 22.33 13.21 12.51
N GLY A 232 21.04 12.94 12.70
CA GLY A 232 20.01 13.79 12.15
C GLY A 232 19.76 13.65 10.66
N ARG A 233 20.44 12.71 9.98
CA ARG A 233 20.18 12.49 8.57
C ARG A 233 18.84 11.83 8.33
N LEU A 234 18.32 11.10 9.32
CA LEU A 234 16.95 10.60 9.30
C LEU A 234 16.09 11.45 10.22
N HIS A 235 14.78 11.37 10.02
CA HIS A 235 13.81 12.19 10.75
C HIS A 235 12.99 11.31 11.68
N SER A 236 12.98 11.65 12.97
CA SER A 236 12.03 11.05 13.90
C SER A 236 10.78 11.91 13.94
N PRO A 237 9.61 11.41 13.58
CA PRO A 237 8.43 12.28 13.44
C PRO A 237 7.67 12.46 14.74
N LEU A 238 7.14 13.67 14.91
CA LEU A 238 6.18 13.92 15.98
C LEU A 238 4.86 13.25 15.61
N HIS A 239 4.22 12.63 16.60
CA HIS A 239 2.95 11.97 16.33
C HIS A 239 2.10 11.96 17.59
N ARG A 240 0.80 11.77 17.38
CA ARG A 240 -0.18 11.75 18.45
C ARG A 240 -1.33 10.84 18.00
N VAL A 241 -2.34 10.71 18.85
CA VAL A 241 -3.53 9.93 18.53
C VAL A 241 -4.74 10.84 18.61
N THR A 242 -5.53 10.86 17.54
CA THR A 242 -6.77 11.62 17.47
C THR A 242 -7.85 10.68 16.94
N LEU A 243 -8.78 10.29 17.79
CA LEU A 243 -9.91 9.50 17.32
C LEU A 243 -10.79 10.35 16.41
N VAL A 244 -11.32 9.73 15.35
CA VAL A 244 -12.13 10.46 14.39
C VAL A 244 -13.45 9.74 14.18
N ALA A 245 -13.82 8.89 15.13
CA ALA A 245 -15.10 8.21 15.11
C ALA A 245 -15.45 7.80 16.53
N ASN A 246 -16.75 7.59 16.78
CA ASN A 246 -17.23 7.20 18.09
C ASN A 246 -17.10 5.67 18.25
N GLN A 247 -15.84 5.23 18.38
CA GLN A 247 -15.58 3.82 18.60
C GLN A 247 -14.26 3.66 19.34
N ALA A 248 -14.18 2.62 20.16
CA ALA A 248 -12.98 2.34 20.92
C ALA A 248 -11.85 1.90 19.98
N ARG A 249 -10.63 1.98 20.50
CA ARG A 249 -9.44 1.68 19.71
C ARG A 249 -8.42 0.98 20.59
N LEU A 250 -7.74 -0.02 20.03
CA LEU A 250 -6.61 -0.66 20.68
C LEU A 250 -5.46 -0.75 19.69
N SER A 251 -4.28 -0.29 20.09
CA SER A 251 -3.09 -0.32 19.26
C SER A 251 -2.14 -1.38 19.76
N THR A 252 -1.49 -2.06 18.82
CA THR A 252 -0.43 -3.04 19.09
C THR A 252 0.86 -2.48 18.53
N SER A 253 1.83 -2.20 19.39
CA SER A 253 3.07 -1.55 18.97
C SER A 253 4.28 -2.38 19.38
N SER A 254 5.27 -2.45 18.50
CA SER A 254 6.53 -3.15 18.73
C SER A 254 7.66 -2.15 18.67
N PHE A 255 8.39 -1.99 19.77
CA PHE A 255 9.50 -1.06 19.87
C PHE A 255 10.81 -1.83 19.96
N SER A 256 11.85 -1.32 19.30
CA SER A 256 13.21 -1.80 19.49
C SER A 256 14.03 -0.73 20.19
N PHE A 257 14.86 -1.16 21.14
CA PHE A 257 15.74 -0.27 21.88
C PHE A 257 17.15 -0.83 21.89
N PRO A 258 18.17 0.02 21.93
CA PRO A 258 19.55 -0.47 22.00
C PRO A 258 19.81 -1.16 23.33
N LYS A 259 20.87 -1.98 23.32
CA LYS A 259 21.27 -2.68 24.55
C LYS A 259 21.49 -1.70 25.69
N ASP A 260 22.16 -0.58 25.42
CA ASP A 260 22.35 0.45 26.43
C ASP A 260 22.62 1.82 25.84
N ILE A 261 23.71 1.97 25.09
CA ILE A 261 24.23 3.28 24.69
C ILE A 261 24.04 3.47 23.20
N ILE A 262 23.57 4.66 22.82
CA ILE A 262 23.53 5.09 21.42
C ILE A 262 24.71 6.03 21.19
N GLU A 263 25.46 5.78 20.12
CA GLU A 263 26.60 6.62 19.76
C GLU A 263 26.59 6.83 18.25
N THR A 264 26.71 8.10 17.84
CA THR A 264 26.72 8.41 16.42
C THR A 264 28.05 7.98 15.79
N PRO A 265 28.02 7.20 14.71
CA PRO A 265 29.27 6.84 14.04
C PRO A 265 29.95 8.06 13.46
N ALA A 266 31.28 8.10 13.60
CA ALA A 266 32.05 9.24 13.09
C ALA A 266 31.89 9.40 11.59
N GLU A 267 31.58 8.33 10.87
CA GLU A 267 31.43 8.40 9.43
C GLU A 267 30.24 9.25 9.00
N LEU A 268 29.26 9.44 9.88
CA LEU A 268 28.09 10.27 9.57
C LEU A 268 28.27 11.71 10.07
N VAL A 269 29.46 12.06 10.53
CA VAL A 269 29.80 13.42 10.93
C VAL A 269 30.75 13.99 9.89
N ASP A 270 30.41 15.14 9.33
CA ASP A 270 31.31 15.83 8.39
C ASP A 270 31.14 17.33 8.59
N GLU A 271 31.70 18.10 7.66
CA GLU A 271 31.70 19.56 7.79
C GLU A 271 30.28 20.11 7.77
N GLU A 272 29.44 19.63 6.86
CA GLU A 272 28.07 20.10 6.77
C GLU A 272 27.14 19.41 7.76
N HIS A 273 27.59 18.34 8.41
CA HIS A 273 26.81 17.62 9.41
C HIS A 273 27.64 17.48 10.69
N PRO A 274 27.83 18.56 11.43
CA PRO A 274 28.52 18.45 12.72
C PRO A 274 27.75 17.58 13.69
N LEU A 275 28.47 17.00 14.65
CA LEU A 275 27.87 16.05 15.57
C LEU A 275 26.78 16.71 16.40
N LEU A 276 25.56 16.18 16.31
CA LEU A 276 24.42 16.73 17.03
C LEU A 276 24.31 16.21 18.44
N PHE A 277 24.57 14.92 18.67
CA PHE A 277 24.31 14.30 19.97
C PHE A 277 25.52 13.49 20.42
N ASN A 278 25.98 13.76 21.64
CA ASN A 278 26.95 12.93 22.32
C ASN A 278 26.29 11.60 22.68
N PRO A 279 27.06 10.59 23.06
CA PRO A 279 26.45 9.31 23.45
C PRO A 279 25.51 9.46 24.64
N PHE A 280 24.49 8.59 24.68
CA PHE A 280 23.52 8.60 25.76
C PHE A 280 22.99 7.20 25.98
N GLU A 281 22.45 6.98 27.17
CA GLU A 281 21.89 5.69 27.56
C GLU A 281 20.37 5.76 27.49
N ILE A 282 19.75 4.69 26.99
CA ILE A 282 18.34 4.76 26.62
C ILE A 282 17.45 4.76 27.86
N THR A 283 17.76 3.94 28.87
CA THR A 283 16.91 3.90 30.05
C THR A 283 16.92 5.23 30.80
N GLU A 284 18.08 5.88 30.85
CA GLU A 284 18.17 7.19 31.47
C GLU A 284 17.32 8.21 30.72
N LEU A 285 17.41 8.22 29.39
CA LEU A 285 16.65 9.16 28.58
C LEU A 285 15.15 8.96 28.76
N LEU A 286 14.70 7.70 28.72
CA LEU A 286 13.27 7.42 28.82
C LEU A 286 12.72 7.82 30.19
N ALA A 287 13.47 7.54 31.26
CA ALA A 287 13.02 7.94 32.59
C ALA A 287 12.91 9.45 32.69
N TYR A 288 13.90 10.18 32.16
CA TYR A 288 13.87 11.64 32.18
C TYR A 288 12.63 12.17 31.49
N CYS A 289 12.28 11.61 30.33
CA CYS A 289 11.15 12.11 29.56
C CYS A 289 9.83 11.98 30.29
N PHE A 290 9.72 11.05 31.23
CA PHE A 290 8.47 10.85 31.98
C PHE A 290 8.50 11.54 33.34
N THR A 291 9.37 12.51 33.52
CA THR A 291 9.36 13.39 34.68
C THR A 291 8.85 14.77 34.28
N LYS A 292 8.43 15.53 35.29
CA LYS A 292 7.95 16.89 35.05
C LYS A 292 9.04 17.74 34.42
N GLU A 293 10.25 17.69 34.96
CA GLU A 293 11.35 18.51 34.46
C GLU A 293 11.79 18.07 33.07
N GLY A 294 11.61 16.80 32.74
CA GLY A 294 12.06 16.27 31.47
C GLY A 294 11.05 16.31 30.35
N ALA A 295 9.89 16.94 30.56
CA ALA A 295 8.83 16.94 29.56
C ALA A 295 9.29 17.58 28.24
N LYS A 296 10.24 18.52 28.32
CA LYS A 296 10.67 19.22 27.11
C LYS A 296 11.39 18.29 26.14
N ALA A 297 11.99 17.21 26.64
CA ALA A 297 12.69 16.26 25.78
C ALA A 297 11.74 15.29 25.07
N VAL A 298 10.48 15.23 25.50
CA VAL A 298 9.52 14.29 24.91
C VAL A 298 9.37 14.54 23.42
N CYS A 299 9.27 15.81 23.02
CA CYS A 299 9.05 16.18 21.63
C CYS A 299 10.31 16.62 20.90
N ASP A 300 11.47 16.64 21.57
CA ASP A 300 12.68 17.16 20.95
C ASP A 300 13.89 16.64 21.71
N LEU A 301 14.67 15.76 21.07
CA LEU A 301 15.89 15.26 21.70
C LEU A 301 16.91 16.36 21.92
N LYS A 302 16.86 17.45 21.15
CA LYS A 302 17.77 18.57 21.37
C LYS A 302 17.61 19.18 22.75
N GLN A 303 16.47 18.94 23.41
CA GLN A 303 16.28 19.40 24.78
C GLN A 303 16.96 18.50 25.81
N TYR A 304 17.53 17.38 25.38
CA TYR A 304 18.22 16.47 26.27
C TYR A 304 19.70 16.82 26.36
N LYS A 305 20.33 16.42 27.47
CA LYS A 305 21.71 16.82 27.75
C LYS A 305 22.71 16.33 26.70
N ALA A 306 22.36 15.32 25.91
CA ALA A 306 23.28 14.81 24.90
C ALA A 306 23.45 15.79 23.73
N TYR A 307 22.54 16.75 23.57
CA TYR A 307 22.65 17.70 22.47
C TYR A 307 23.91 18.54 22.63
N THR A 308 24.64 18.70 21.52
CA THR A 308 25.90 19.44 21.53
C THR A 308 25.73 20.93 21.29
N GLY A 309 24.58 21.36 20.79
CA GLY A 309 24.42 22.73 20.35
C GLY A 309 24.85 22.99 18.92
N ALA A 310 25.36 21.98 18.23
CA ALA A 310 25.80 22.17 16.85
C ALA A 310 24.61 22.40 15.93
N LEU A 311 24.86 23.08 14.82
CA LEU A 311 23.82 23.45 13.88
C LEU A 311 23.39 22.24 13.05
N GLU A 312 22.09 22.17 12.77
CA GLU A 312 21.57 21.16 11.87
C GLU A 312 22.09 21.39 10.44
N HIS A 313 21.98 20.36 9.62
CA HIS A 313 22.58 20.39 8.28
C HIS A 313 22.07 21.58 7.47
N HIS A 314 20.77 21.84 7.50
CA HIS A 314 20.22 22.94 6.71
C HIS A 314 20.67 24.30 7.19
N HIS A 315 21.29 24.39 8.37
CA HIS A 315 21.79 25.65 8.91
C HIS A 315 23.29 25.82 8.71
N HIS A 316 23.94 24.93 7.96
CA HIS A 316 25.36 25.08 7.69
C HIS A 316 25.60 26.37 6.90
N HIS A 317 26.57 27.16 7.33
CA HIS A 317 26.79 28.48 6.74
C HIS A 317 27.64 28.34 5.50
N HIS A 318 27.01 28.50 4.34
CA HIS A 318 27.72 28.56 3.07
C HIS A 318 26.96 29.45 2.10
N PRO B 6 0.22 -16.92 2.14
CA PRO B 6 -0.91 -16.53 1.31
C PRO B 6 -0.52 -15.49 0.26
N LEU B 7 -0.93 -15.72 -0.98
CA LEU B 7 -0.50 -14.89 -2.10
C LEU B 7 -1.22 -13.56 -2.11
N ARG B 8 -0.47 -12.49 -2.36
CA ARG B 8 -1.03 -11.17 -2.55
C ARG B 8 -0.29 -10.47 -3.68
N LEU B 9 -1.01 -9.72 -4.50
CA LEU B 9 -0.37 -8.96 -5.56
C LEU B 9 0.60 -7.95 -4.96
N PRO B 10 1.63 -7.56 -5.70
CA PRO B 10 2.49 -6.48 -5.23
C PRO B 10 1.70 -5.21 -5.01
N VAL B 11 2.06 -4.46 -3.97
CA VAL B 11 1.44 -3.19 -3.65
C VAL B 11 2.44 -2.09 -3.99
N ILE B 12 2.08 -1.25 -4.96
CA ILE B 12 2.98 -0.24 -5.51
C ILE B 12 2.35 1.13 -5.30
N ASP B 13 3.19 2.10 -4.89
CA ASP B 13 2.73 3.45 -4.56
C ASP B 13 2.91 4.34 -5.79
N LEU B 14 1.82 4.64 -6.49
CA LEU B 14 1.83 5.52 -7.64
C LEU B 14 1.33 6.92 -7.31
N SER B 15 1.48 7.36 -6.07
CA SER B 15 1.08 8.72 -5.72
C SER B 15 1.95 9.72 -6.45
N MET B 16 1.38 10.91 -6.70
CA MET B 16 2.02 11.89 -7.58
C MET B 16 3.40 12.31 -7.08
N LYS B 17 3.64 12.24 -5.77
CA LYS B 17 4.95 12.61 -5.24
C LYS B 17 6.04 11.66 -5.72
N ASN B 18 5.68 10.48 -6.21
CA ASN B 18 6.65 9.53 -6.72
C ASN B 18 6.85 9.62 -8.23
N LEU B 19 6.04 10.40 -8.93
CA LEU B 19 5.95 10.35 -10.39
C LEU B 19 6.66 11.50 -11.08
N LYS B 20 7.79 11.95 -10.53
CA LYS B 20 8.61 12.96 -11.19
C LYS B 20 9.72 12.28 -11.95
N PRO B 21 9.79 12.41 -13.28
CA PRO B 21 10.77 11.65 -14.06
C PRO B 21 12.20 11.92 -13.62
N GLY B 22 13.03 10.88 -13.69
CA GLY B 22 14.43 10.97 -13.36
C GLY B 22 14.75 10.97 -11.87
N THR B 23 13.74 11.01 -11.00
CA THR B 23 14.02 11.04 -9.58
C THR B 23 14.24 9.64 -9.03
N THR B 24 14.78 9.60 -7.81
CA THR B 24 15.03 8.32 -7.14
C THR B 24 13.73 7.54 -6.96
N SER B 25 12.65 8.22 -6.58
CA SER B 25 11.38 7.53 -6.35
C SER B 25 10.78 7.03 -7.65
N TRP B 26 10.92 7.79 -8.73
CA TRP B 26 10.48 7.32 -10.04
C TRP B 26 11.15 6.02 -10.43
N ASN B 27 12.48 5.96 -10.25
CA ASN B 27 13.25 4.79 -10.67
C ASN B 27 12.86 3.55 -9.88
N SER B 28 12.61 3.69 -8.58
CA SER B 28 12.27 2.52 -7.77
C SER B 28 10.86 2.02 -8.08
N VAL B 29 9.93 2.94 -8.34
CA VAL B 29 8.59 2.53 -8.75
C VAL B 29 8.64 1.85 -10.11
N ARG B 30 9.41 2.41 -11.05
CA ARG B 30 9.56 1.78 -12.36
C ARG B 30 10.06 0.35 -12.24
N THR B 31 11.08 0.13 -11.39
CA THR B 31 11.58 -1.22 -11.17
C THR B 31 10.47 -2.14 -10.69
N GLN B 32 9.67 -1.68 -9.73
CA GLN B 32 8.62 -2.52 -9.16
C GLN B 32 7.51 -2.77 -10.17
N VAL B 33 7.14 -1.75 -10.94
CA VAL B 33 6.09 -1.90 -11.95
C VAL B 33 6.51 -2.94 -12.99
N ARG B 34 7.76 -2.85 -13.46
CA ARG B 34 8.24 -3.81 -14.45
C ARG B 34 8.23 -5.23 -13.89
N GLU B 35 8.73 -5.41 -12.66
CA GLU B 35 8.77 -6.75 -12.09
C GLU B 35 7.36 -7.32 -11.90
N ALA B 36 6.41 -6.48 -11.48
CA ALA B 36 5.05 -6.96 -11.25
C ALA B 36 4.36 -7.30 -12.56
N LEU B 37 4.46 -6.43 -13.56
CA LEU B 37 3.84 -6.69 -14.85
C LEU B 37 4.47 -7.87 -15.57
N GLU B 38 5.73 -8.18 -15.27
CA GLU B 38 6.38 -9.33 -15.90
C GLU B 38 5.97 -10.64 -15.23
N GLU B 39 5.81 -10.65 -13.91
CA GLU B 39 5.53 -11.87 -13.18
C GLU B 39 4.04 -12.10 -12.98
N TYR B 40 3.32 -11.09 -12.47
CA TYR B 40 1.89 -11.19 -12.23
C TYR B 40 1.04 -10.61 -13.35
N GLY B 41 1.56 -9.65 -14.11
CA GLY B 41 0.75 -8.91 -15.05
C GLY B 41 -0.20 -7.92 -14.43
N CYS B 42 -0.08 -7.67 -13.12
CA CYS B 42 -0.98 -6.77 -12.42
C CYS B 42 -0.38 -6.48 -11.06
N PHE B 43 -0.92 -5.46 -10.39
CA PHE B 43 -0.52 -5.14 -9.02
C PHE B 43 -1.59 -4.26 -8.38
N GLU B 44 -1.56 -4.24 -7.05
CA GLU B 44 -2.33 -3.26 -6.30
C GLU B 44 -1.59 -1.93 -6.33
N ALA B 45 -2.33 -0.84 -6.54
CA ALA B 45 -1.73 0.46 -6.75
C ALA B 45 -2.36 1.49 -5.83
N VAL B 46 -1.53 2.28 -5.15
CA VAL B 46 -1.97 3.48 -4.47
C VAL B 46 -1.96 4.62 -5.48
N ILE B 47 -3.13 5.17 -5.77
CA ILE B 47 -3.27 6.23 -6.77
C ILE B 47 -3.99 7.40 -6.10
N ASP B 48 -3.35 8.57 -6.08
CA ASP B 48 -3.95 9.77 -5.54
C ASP B 48 -4.20 10.83 -6.61
N ALA B 49 -4.07 10.47 -7.89
CA ALA B 49 -4.39 11.40 -8.96
C ALA B 49 -5.86 11.80 -8.92
N VAL B 50 -6.72 10.98 -8.33
CA VAL B 50 -8.14 11.27 -8.18
C VAL B 50 -8.44 11.30 -6.69
N SER B 51 -9.01 12.41 -6.23
CA SER B 51 -9.36 12.55 -4.82
C SER B 51 -10.42 11.53 -4.43
N PRO B 52 -10.50 11.19 -3.14
CA PRO B 52 -11.56 10.26 -2.71
C PRO B 52 -12.96 10.75 -3.03
N GLU B 53 -13.20 12.07 -2.96
CA GLU B 53 -14.54 12.58 -3.28
C GLU B 53 -14.82 12.54 -4.77
N LEU B 54 -13.81 12.74 -5.62
CA LEU B 54 -14.02 12.56 -7.05
C LEU B 54 -14.26 11.08 -7.36
N GLN B 55 -13.53 10.19 -6.68
CA GLN B 55 -13.77 8.76 -6.87
CA GLN B 55 -13.76 8.75 -6.85
C GLN B 55 -15.22 8.39 -6.53
N LYS B 56 -15.72 8.89 -5.40
CA LYS B 56 -17.10 8.61 -5.03
C LYS B 56 -18.08 9.24 -6.01
N ALA B 57 -17.79 10.47 -6.45
CA ALA B 57 -18.66 11.13 -7.41
C ALA B 57 -18.77 10.34 -8.71
N VAL B 58 -17.65 9.80 -9.20
CA VAL B 58 -17.66 9.03 -10.43
C VAL B 58 -18.45 7.75 -10.25
N CYS B 59 -18.31 7.09 -9.10
CA CYS B 59 -19.13 5.92 -8.81
C CYS B 59 -20.61 6.26 -8.92
N ASN B 60 -21.01 7.41 -8.37
CA ASN B 60 -22.41 7.83 -8.45
C ASN B 60 -22.82 8.14 -9.88
N LYS B 61 -21.90 8.72 -10.66
CA LYS B 61 -22.22 8.98 -12.07
C LYS B 61 -22.43 7.68 -12.84
N GLY B 62 -21.68 6.64 -12.48
CA GLY B 62 -21.89 5.34 -13.10
C GLY B 62 -23.25 4.76 -12.78
N HIS B 63 -23.69 4.88 -11.53
CA HIS B 63 -25.04 4.45 -11.17
C HIS B 63 -26.09 5.24 -11.94
N GLU B 64 -25.93 6.56 -12.00
CA GLU B 64 -26.89 7.41 -12.69
C GLU B 64 -26.99 7.04 -14.17
N LEU B 65 -25.85 6.75 -14.79
CA LEU B 65 -25.85 6.35 -16.20
C LEU B 65 -26.55 5.01 -16.38
N LEU B 66 -26.17 4.02 -15.58
CA LEU B 66 -26.73 2.68 -15.75
C LEU B 66 -28.18 2.59 -15.33
N ASN B 67 -28.68 3.55 -14.53
CA ASN B 67 -30.09 3.59 -14.17
C ASN B 67 -30.98 4.03 -15.33
N LEU B 68 -30.39 4.59 -16.40
CA LEU B 68 -31.18 5.06 -17.53
C LEU B 68 -31.91 3.88 -18.19
N PRO B 69 -32.99 4.17 -18.93
CA PRO B 69 -33.69 3.09 -19.63
C PRO B 69 -32.82 2.44 -20.68
N LEU B 70 -33.11 1.17 -20.97
CA LEU B 70 -32.33 0.41 -21.94
C LEU B 70 -32.20 1.13 -23.26
N GLU B 71 -33.32 1.66 -23.78
CA GLU B 71 -33.31 2.30 -25.10
C GLU B 71 -32.44 3.55 -25.10
N THR B 72 -32.32 4.24 -23.96
CA THR B 72 -31.44 5.39 -23.89
C THR B 72 -29.98 4.97 -23.92
N LYS B 73 -29.63 3.91 -23.19
CA LYS B 73 -28.23 3.48 -23.15
C LYS B 73 -27.78 2.90 -24.49
N MET B 74 -28.69 2.30 -25.24
CA MET B 74 -28.33 1.79 -26.57
C MET B 74 -27.97 2.89 -27.55
N LEU B 75 -28.26 4.16 -27.23
CA LEU B 75 -27.80 5.26 -28.07
C LEU B 75 -26.29 5.32 -28.17
N ASN B 76 -25.57 4.68 -27.25
CA ASN B 76 -24.11 4.65 -27.27
C ASN B 76 -23.57 3.64 -28.28
N GLY B 77 -24.42 2.97 -29.04
CA GLY B 77 -23.99 2.12 -30.12
C GLY B 77 -24.18 0.64 -29.80
N ASN B 78 -23.75 -0.19 -30.75
CA ASN B 78 -23.88 -1.64 -30.67
CA ASN B 78 -23.88 -1.64 -30.67
C ASN B 78 -22.51 -2.31 -30.71
N LYS B 79 -21.54 -1.73 -30.01
CA LYS B 79 -20.19 -2.27 -29.93
C LYS B 79 -19.86 -2.49 -28.45
N PRO B 80 -20.43 -3.54 -27.83
CA PRO B 80 -20.15 -3.80 -26.42
C PRO B 80 -18.72 -4.21 -26.15
N GLU B 81 -17.95 -4.53 -27.19
CA GLU B 81 -16.52 -4.80 -27.02
C GLU B 81 -15.74 -3.56 -26.62
N TYR B 82 -16.35 -2.38 -26.68
CA TYR B 82 -15.66 -1.14 -26.33
C TYR B 82 -16.49 -0.36 -25.32
N ASP B 83 -17.54 0.31 -25.79
CA ASP B 83 -18.35 1.18 -24.93
C ASP B 83 -19.84 0.87 -24.95
N GLY B 84 -20.30 -0.02 -25.82
CA GLY B 84 -21.73 -0.26 -25.92
C GLY B 84 -22.31 -0.90 -24.68
N PHE B 85 -23.60 -0.64 -24.45
CA PHE B 85 -24.27 -1.22 -23.29
C PHE B 85 -24.50 -2.70 -23.48
N THR B 86 -24.28 -3.47 -22.42
CA THR B 86 -24.55 -4.89 -22.43
C THR B 86 -25.00 -5.31 -21.04
N SER B 87 -25.71 -6.43 -20.97
CA SER B 87 -26.25 -6.89 -19.70
C SER B 87 -26.62 -8.36 -19.80
N ILE B 88 -26.47 -9.06 -18.69
CA ILE B 88 -26.95 -10.43 -18.52
C ILE B 88 -28.04 -10.40 -17.45
N PRO B 89 -29.23 -10.95 -17.72
CA PRO B 89 -30.35 -10.77 -16.79
C PRO B 89 -30.04 -11.28 -15.40
N ASN B 90 -30.32 -10.43 -14.39
CA ASN B 90 -30.13 -10.73 -12.98
C ASN B 90 -28.67 -11.03 -12.62
N LEU B 91 -27.72 -10.66 -13.48
CA LEU B 91 -26.31 -10.87 -13.19
C LEU B 91 -25.52 -9.58 -13.27
N ASN B 92 -25.37 -8.97 -14.44
CA ASN B 92 -24.56 -7.76 -14.55
C ASN B 92 -25.09 -6.88 -15.66
N GLU B 93 -24.54 -5.67 -15.74
CA GLU B 93 -24.81 -4.73 -16.81
C GLU B 93 -23.68 -3.72 -16.84
N GLY B 94 -23.44 -3.14 -18.00
CA GLY B 94 -22.33 -2.21 -18.11
C GLY B 94 -22.31 -1.52 -19.45
N MET B 95 -21.45 -0.50 -19.53
CA MET B 95 -21.31 0.36 -20.69
C MET B 95 -20.18 1.34 -20.41
N GLY B 96 -19.73 2.03 -21.45
CA GLY B 96 -18.58 2.89 -21.34
C GLY B 96 -18.81 4.25 -21.99
N VAL B 97 -17.99 5.19 -21.59
CA VAL B 97 -17.89 6.49 -22.25
C VAL B 97 -16.57 6.46 -23.04
N GLY B 98 -16.67 6.29 -24.36
CA GLY B 98 -15.49 6.21 -25.18
C GLY B 98 -14.85 7.56 -25.41
N ARG B 99 -13.53 7.55 -25.62
CA ARG B 99 -12.75 8.77 -25.84
C ARG B 99 -12.95 9.77 -24.71
N ILE B 100 -12.80 9.28 -23.48
CA ILE B 100 -13.08 10.06 -22.28
C ILE B 100 -12.17 11.27 -22.16
N THR B 101 -11.02 11.28 -22.83
CA THR B 101 -10.12 12.42 -22.77
C THR B 101 -10.42 13.47 -23.84
N ASP B 102 -11.39 13.23 -24.71
CA ASP B 102 -11.82 14.22 -25.69
C ASP B 102 -13.09 14.88 -25.17
N LEU B 103 -12.96 16.14 -24.74
CA LEU B 103 -14.10 16.84 -24.13
C LEU B 103 -15.27 16.93 -25.09
N GLU B 104 -15.01 17.14 -26.38
CA GLU B 104 -16.09 17.21 -27.36
C GLU B 104 -16.87 15.91 -27.41
N LYS B 105 -16.19 14.77 -27.29
CA LYS B 105 -16.90 13.49 -27.32
C LYS B 105 -17.63 13.23 -26.02
N VAL B 106 -17.08 13.67 -24.88
CA VAL B 106 -17.77 13.52 -23.61
C VAL B 106 -19.03 14.37 -23.60
N GLU B 107 -18.93 15.61 -24.09
CA GLU B 107 -20.11 16.47 -24.20
C GLU B 107 -21.15 15.85 -25.11
N ARG B 108 -20.72 15.26 -26.23
CA ARG B 108 -21.65 14.58 -27.12
C ARG B 108 -22.31 13.39 -26.44
N PHE B 109 -21.52 12.61 -25.68
CA PHE B 109 -22.09 11.48 -24.95
C PHE B 109 -23.13 11.96 -23.94
N THR B 110 -22.78 12.96 -23.13
CA THR B 110 -23.68 13.42 -22.08
C THR B 110 -24.98 13.94 -22.66
N ASN B 111 -24.89 14.77 -23.71
CA ASN B 111 -26.09 15.27 -24.36
C ASN B 111 -26.87 14.17 -25.06
N LEU B 112 -26.21 13.08 -25.44
CA LEU B 112 -26.92 11.92 -25.99
C LEU B 112 -27.74 11.23 -24.91
N MET B 113 -27.17 11.05 -23.72
CA MET B 113 -27.88 10.39 -22.63
C MET B 113 -28.88 11.32 -21.95
N TRP B 114 -28.57 12.61 -21.88
CA TRP B 114 -29.39 13.59 -21.20
C TRP B 114 -29.54 14.80 -22.12
N PRO B 115 -30.50 14.77 -23.04
CA PRO B 115 -30.66 15.90 -23.97
C PRO B 115 -30.93 17.21 -23.26
N GLU B 116 -31.53 17.17 -22.07
CA GLU B 116 -31.73 18.35 -21.25
C GLU B 116 -30.43 18.87 -20.63
N GLY B 117 -29.31 18.19 -20.87
CA GLY B 117 -28.05 18.59 -20.28
C GLY B 117 -27.80 17.93 -18.94
N ASN B 118 -26.54 17.58 -18.67
CA ASN B 118 -26.13 17.01 -17.39
C ASN B 118 -24.68 17.45 -17.18
N LYS B 119 -24.51 18.72 -16.83
CA LYS B 119 -23.18 19.30 -16.75
C LYS B 119 -22.33 18.62 -15.68
N ASP B 120 -22.94 18.23 -14.57
CA ASP B 120 -22.17 17.62 -13.49
C ASP B 120 -21.64 16.25 -13.91
N PHE B 121 -22.42 15.49 -14.68
CA PHE B 121 -21.92 14.22 -15.21
C PHE B 121 -20.72 14.47 -16.12
N CYS B 122 -20.86 15.39 -17.08
CA CYS B 122 -19.82 15.64 -18.06
C CYS B 122 -18.51 16.05 -17.40
N GLU B 123 -18.55 17.06 -16.53
CA GLU B 123 -17.32 17.54 -15.91
C GLU B 123 -16.72 16.51 -14.96
N THR B 124 -17.55 15.66 -14.36
CA THR B 124 -17.03 14.67 -13.41
C THR B 124 -16.29 13.55 -14.11
N VAL B 125 -16.92 12.94 -15.12
CA VAL B 125 -16.27 11.83 -15.81
C VAL B 125 -15.08 12.30 -16.62
N TYR B 126 -15.14 13.52 -17.17
CA TYR B 126 -14.02 14.05 -17.94
C TYR B 126 -12.81 14.30 -17.05
N SER B 127 -13.03 14.90 -15.89
CA SER B 127 -11.93 15.15 -14.96
C SER B 127 -11.31 13.84 -14.47
N TYR B 128 -12.15 12.84 -14.23
CA TYR B 128 -11.65 11.54 -13.80
C TYR B 128 -10.85 10.86 -14.90
N GLY B 129 -11.38 10.87 -16.12
CA GLY B 129 -10.69 10.22 -17.22
C GLY B 129 -9.35 10.86 -17.54
N LYS B 130 -9.30 12.20 -17.50
CA LYS B 130 -8.04 12.90 -17.77
C LYS B 130 -7.00 12.56 -16.72
N ARG B 131 -7.41 12.47 -15.45
CA ARG B 131 -6.46 12.19 -14.38
C ARG B 131 -5.95 10.76 -14.45
N MET B 132 -6.83 9.80 -14.72
CA MET B 132 -6.40 8.41 -14.81
C MET B 132 -5.60 8.17 -16.09
N ALA B 133 -5.89 8.92 -17.16
CA ALA B 133 -5.09 8.81 -18.37
C ALA B 133 -3.66 9.26 -18.14
N GLU B 134 -3.46 10.25 -17.26
CA GLU B 134 -2.10 10.69 -16.95
C GLU B 134 -1.32 9.61 -16.20
N VAL B 135 -1.98 8.94 -15.26
CA VAL B 135 -1.34 7.81 -14.56
C VAL B 135 -1.00 6.71 -15.55
N ASP B 136 -1.96 6.36 -16.41
CA ASP B 136 -1.73 5.36 -17.45
C ASP B 136 -0.52 5.72 -18.31
N HIS B 137 -0.43 6.99 -18.73
CA HIS B 137 0.68 7.42 -19.57
C HIS B 137 2.02 7.27 -18.84
N ILE B 138 2.06 7.65 -17.56
CA ILE B 138 3.29 7.56 -16.78
C ILE B 138 3.72 6.10 -16.64
N LEU B 139 2.77 5.21 -16.41
CA LEU B 139 3.10 3.78 -16.32
C LEU B 139 3.67 3.27 -17.63
N LYS B 140 3.09 3.70 -18.76
CA LYS B 140 3.62 3.31 -20.07
C LYS B 140 5.04 3.82 -20.25
N MET B 141 5.31 5.05 -19.83
CA MET B 141 6.67 5.59 -19.91
C MET B 141 7.65 4.72 -19.13
N MET B 142 7.26 4.34 -17.91
CA MET B 142 8.12 3.53 -17.06
C MET B 142 8.45 2.19 -17.71
N VAL B 143 7.44 1.53 -18.28
CA VAL B 143 7.67 0.23 -18.92
C VAL B 143 8.61 0.40 -20.12
N PHE B 144 8.37 1.43 -20.93
CA PHE B 144 9.24 1.71 -22.07
C PHE B 144 10.69 1.91 -21.61
N GLU B 145 10.88 2.74 -20.58
CA GLU B 145 12.23 2.95 -20.04
C GLU B 145 12.84 1.64 -19.55
N SER B 146 12.02 0.79 -18.91
CA SER B 146 12.52 -0.47 -18.39
C SER B 146 13.04 -1.38 -19.50
N PHE B 147 12.48 -1.26 -20.70
CA PHE B 147 12.97 -2.00 -21.86
C PHE B 147 13.98 -1.20 -22.67
N GLY B 148 14.38 -0.01 -22.20
CA GLY B 148 15.27 0.84 -22.96
C GLY B 148 14.68 1.39 -24.23
N MET B 149 13.36 1.55 -24.29
CA MET B 149 12.66 1.92 -25.52
C MET B 149 12.19 3.37 -25.52
N GLU B 150 12.73 4.20 -24.63
CA GLU B 150 12.33 5.61 -24.56
C GLU B 150 13.19 6.47 -25.49
N SER B 159 -0.27 8.42 -29.31
CA SER B 159 -1.55 8.25 -30.00
C SER B 159 -2.37 7.17 -29.31
N THR B 160 -3.12 7.57 -28.29
CA THR B 160 -3.79 6.62 -27.40
C THR B 160 -5.26 7.00 -27.24
N ASN B 161 -6.12 5.99 -27.33
CA ASN B 161 -7.56 6.13 -27.09
C ASN B 161 -7.85 5.70 -25.66
N TYR B 162 -8.65 6.49 -24.94
CA TYR B 162 -8.96 6.22 -23.54
C TYR B 162 -10.45 5.99 -23.36
N LEU B 163 -10.78 4.99 -22.54
CA LEU B 163 -12.16 4.58 -22.29
C LEU B 163 -12.43 4.52 -20.80
N LEU B 164 -13.60 5.02 -20.40
CA LEU B 164 -14.09 4.88 -19.04
C LEU B 164 -15.27 3.92 -19.07
N HIS B 165 -15.17 2.83 -18.31
CA HIS B 165 -16.15 1.76 -18.38
C HIS B 165 -16.69 1.44 -16.99
N PHE B 166 -18.01 1.31 -16.90
CA PHE B 166 -18.71 0.97 -15.66
C PHE B 166 -19.33 -0.41 -15.79
N MET B 167 -19.14 -1.25 -14.78
CA MET B 167 -19.86 -2.52 -14.67
C MET B 167 -20.55 -2.58 -13.32
N ARG B 168 -21.85 -2.90 -13.32
CA ARG B 168 -22.64 -3.02 -12.11
C ARG B 168 -23.12 -4.46 -11.97
N TYR B 169 -23.04 -4.99 -10.75
CA TYR B 169 -23.34 -6.39 -10.49
C TYR B 169 -24.46 -6.50 -9.47
N GLN B 170 -25.48 -7.28 -9.82
CA GLN B 170 -26.62 -7.48 -8.96
C GLN B 170 -26.20 -8.18 -7.68
N GLN B 171 -26.83 -7.82 -6.57
CA GLN B 171 -26.64 -8.55 -5.32
C GLN B 171 -26.90 -10.03 -5.58
N PRO B 172 -25.97 -10.93 -5.24
CA PRO B 172 -26.12 -12.33 -5.66
C PRO B 172 -27.16 -13.11 -4.89
N GLY B 173 -27.62 -12.61 -3.74
CA GLY B 173 -28.65 -13.31 -2.99
C GLY B 173 -28.16 -14.49 -2.17
N LYS B 174 -26.85 -14.61 -1.96
CA LYS B 174 -26.30 -15.69 -1.17
C LYS B 174 -24.88 -15.34 -0.77
N ASP B 175 -24.38 -16.03 0.25
CA ASP B 175 -23.02 -15.85 0.70
C ASP B 175 -22.09 -16.78 -0.08
N GLY B 176 -20.81 -16.70 0.20
CA GLY B 176 -19.85 -17.50 -0.53
C GLY B 176 -19.59 -16.96 -1.92
N ARG B 177 -18.99 -17.81 -2.75
CA ARG B 177 -18.53 -17.38 -4.07
C ARG B 177 -19.67 -17.41 -5.08
N SER B 178 -19.91 -16.30 -5.74
CA SER B 178 -20.89 -16.20 -6.83
C SER B 178 -20.21 -15.65 -8.07
N PRO B 179 -20.01 -16.44 -9.12
CA PRO B 179 -19.41 -15.91 -10.35
C PRO B 179 -20.26 -14.79 -10.95
N ALA B 180 -19.59 -13.73 -11.40
CA ALA B 180 -20.31 -12.52 -11.81
C ALA B 180 -19.86 -12.02 -13.18
N LEU B 181 -18.59 -12.25 -13.54
CA LEU B 181 -18.07 -11.88 -14.85
C LEU B 181 -17.11 -12.96 -15.32
N SER B 182 -17.24 -13.33 -16.60
CA SER B 182 -16.55 -14.50 -17.10
C SER B 182 -15.06 -14.21 -17.37
N LEU B 183 -14.28 -15.29 -17.42
CA LEU B 183 -12.84 -15.20 -17.54
C LEU B 183 -12.43 -14.58 -18.88
N HIS B 184 -11.42 -13.72 -18.85
CA HIS B 184 -10.96 -13.07 -20.07
C HIS B 184 -9.61 -12.41 -19.80
N LYS B 185 -8.93 -12.07 -20.88
CA LYS B 185 -7.82 -11.12 -20.86
C LYS B 185 -8.31 -9.80 -21.41
N ASP B 186 -7.86 -8.70 -20.80
CA ASP B 186 -8.16 -7.40 -21.38
C ASP B 186 -7.37 -7.22 -22.66
N LYS B 187 -7.98 -6.55 -23.65
CA LYS B 187 -7.31 -6.23 -24.90
C LYS B 187 -6.83 -4.80 -24.93
N SER B 188 -6.68 -4.18 -23.77
CA SER B 188 -6.18 -2.82 -23.66
C SER B 188 -4.66 -2.81 -23.70
N ILE B 189 -4.09 -1.61 -23.63
CA ILE B 189 -2.69 -1.47 -23.24
C ILE B 189 -2.55 -1.66 -21.73
N LEU B 190 -3.21 -0.79 -20.96
CA LEU B 190 -3.31 -0.93 -19.51
C LEU B 190 -4.75 -0.70 -19.09
N THR B 191 -5.12 -1.32 -17.97
CA THR B 191 -6.42 -1.12 -17.34
C THR B 191 -6.20 -0.76 -15.89
N ILE B 192 -6.91 0.28 -15.42
CA ILE B 192 -6.84 0.71 -14.03
C ILE B 192 -8.25 0.59 -13.45
N VAL B 193 -8.39 -0.20 -12.40
CA VAL B 193 -9.69 -0.58 -11.85
C VAL B 193 -9.84 -0.01 -10.45
N ASN B 194 -11.00 0.59 -10.18
CA ASN B 194 -11.43 0.90 -8.82
C ASN B 194 -12.68 0.08 -8.54
N GLN B 195 -12.62 -0.74 -7.50
CA GLN B 195 -13.73 -1.64 -7.17
C GLN B 195 -14.78 -0.99 -6.29
N ASN B 196 -14.61 0.29 -5.93
CA ASN B 196 -15.58 1.04 -5.15
C ASN B 196 -16.01 0.27 -3.89
N ASP B 197 -15.01 -0.25 -3.16
CA ASP B 197 -15.13 -0.83 -1.84
C ASP B 197 -15.80 -2.21 -1.81
N VAL B 198 -16.06 -2.82 -2.97
CA VAL B 198 -16.62 -4.17 -3.03
C VAL B 198 -15.71 -5.01 -3.90
N LYS B 199 -14.98 -5.95 -3.28
CA LYS B 199 -14.02 -6.75 -4.03
C LYS B 199 -14.73 -7.80 -4.87
N GLY B 200 -13.95 -8.51 -5.69
CA GLY B 200 -14.51 -9.51 -6.58
C GLY B 200 -13.62 -9.80 -7.77
N LEU B 201 -12.86 -8.80 -8.21
CA LEU B 201 -11.88 -9.02 -9.26
C LEU B 201 -10.86 -10.06 -8.81
N GLU B 202 -10.64 -11.07 -9.65
CA GLU B 202 -9.86 -12.24 -9.28
C GLU B 202 -8.93 -12.61 -10.42
N PHE B 203 -7.64 -12.79 -10.14
CA PHE B 203 -6.63 -13.07 -11.13
C PHE B 203 -6.09 -14.49 -10.98
N GLU B 204 -5.74 -15.09 -12.12
CA GLU B 204 -4.98 -16.34 -12.13
C GLU B 204 -3.51 -16.02 -12.32
N THR B 205 -2.66 -16.70 -11.55
CA THR B 205 -1.21 -16.58 -11.73
C THR B 205 -0.73 -17.54 -12.80
N LYS B 206 0.54 -17.38 -13.19
CA LYS B 206 1.13 -18.29 -14.17
C LYS B 206 1.15 -19.73 -13.65
N ASP B 207 1.21 -19.90 -12.33
CA ASP B 207 1.23 -21.23 -11.71
C ASP B 207 -0.15 -21.81 -11.49
N GLY B 208 -1.20 -21.10 -11.86
CA GLY B 208 -2.55 -21.61 -11.71
C GLY B 208 -3.24 -21.29 -10.41
N GLU B 209 -2.64 -20.45 -9.56
CA GLU B 209 -3.28 -20.01 -8.33
C GLU B 209 -4.18 -18.80 -8.60
N TRP B 210 -5.14 -18.59 -7.72
CA TRP B 210 -6.09 -17.49 -7.83
C TRP B 210 -5.85 -16.48 -6.73
N ILE B 211 -5.81 -15.20 -7.10
CA ILE B 211 -5.60 -14.11 -6.16
C ILE B 211 -6.80 -13.18 -6.25
N LEU B 212 -7.48 -12.98 -5.14
CA LEU B 212 -8.62 -12.07 -5.05
C LEU B 212 -8.26 -10.92 -4.11
N PRO B 213 -7.82 -9.78 -4.63
CA PRO B 213 -7.41 -8.68 -3.74
C PRO B 213 -8.58 -8.12 -2.97
N THR B 214 -8.28 -7.54 -1.81
CA THR B 214 -9.25 -6.71 -1.14
C THR B 214 -9.50 -5.44 -1.96
N ALA B 215 -10.52 -4.69 -1.57
CA ALA B 215 -10.83 -3.42 -2.22
C ALA B 215 -10.08 -2.25 -1.61
N ASP B 216 -8.96 -2.50 -0.93
CA ASP B 216 -8.19 -1.42 -0.31
C ASP B 216 -7.68 -0.42 -1.35
N ASN B 217 -7.14 -0.93 -2.46
CA ASN B 217 -6.39 -0.11 -3.39
C ASN B 217 -6.94 -0.25 -4.79
N HIS B 218 -6.43 0.59 -5.70
CA HIS B 218 -6.68 0.40 -7.11
C HIS B 218 -5.99 -0.87 -7.60
N ILE B 219 -6.43 -1.35 -8.76
CA ILE B 219 -5.78 -2.47 -9.44
C ILE B 219 -5.33 -2.00 -10.81
N VAL B 220 -4.06 -2.23 -11.13
CA VAL B 220 -3.52 -2.02 -12.46
C VAL B 220 -3.24 -3.39 -13.06
N LEU B 221 -3.68 -3.61 -14.30
CA LEU B 221 -3.40 -4.87 -14.96
C LEU B 221 -3.03 -4.62 -16.41
N LEU B 222 -2.29 -5.57 -16.98
CA LEU B 222 -1.80 -5.47 -18.34
C LEU B 222 -2.81 -6.06 -19.32
N GLY B 223 -2.96 -5.39 -20.47
CA GLY B 223 -3.80 -5.89 -21.53
C GLY B 223 -2.98 -6.52 -22.66
N ASP B 224 -3.69 -7.19 -23.58
CA ASP B 224 -3.02 -7.95 -24.62
C ASP B 224 -2.24 -7.06 -25.58
N CYS B 225 -2.63 -5.79 -25.74
CA CYS B 225 -1.87 -4.90 -26.60
C CYS B 225 -0.47 -4.67 -26.07
N PHE B 226 -0.35 -4.47 -24.76
CA PHE B 226 0.97 -4.26 -24.18
C PHE B 226 1.77 -5.56 -24.19
N MET B 227 1.09 -6.69 -23.97
CA MET B 227 1.76 -7.98 -24.02
C MET B 227 2.32 -8.25 -25.41
N ALA B 228 1.53 -7.96 -26.45
CA ALA B 228 2.00 -8.16 -27.82
C ALA B 228 3.12 -7.19 -28.16
N TRP B 229 2.99 -5.92 -27.76
CA TRP B 229 4.05 -4.95 -27.97
C TRP B 229 5.37 -5.45 -27.36
N SER B 230 5.31 -6.03 -26.17
CA SER B 230 6.48 -6.52 -25.47
C SER B 230 6.97 -7.86 -26.00
N ASN B 231 6.33 -8.40 -27.04
CA ASN B 231 6.69 -9.71 -27.58
C ASN B 231 6.61 -10.80 -26.52
N GLY B 232 5.59 -10.72 -25.66
CA GLY B 232 5.41 -11.71 -24.63
C GLY B 232 6.36 -11.61 -23.45
N ARG B 233 7.18 -10.56 -23.39
CA ARG B 233 8.07 -10.39 -22.24
C ARG B 233 7.32 -9.94 -21.00
N LEU B 234 6.14 -9.33 -21.17
CA LEU B 234 5.23 -9.05 -20.08
C LEU B 234 4.04 -9.99 -20.17
N HIS B 235 3.33 -10.14 -19.06
CA HIS B 235 2.23 -11.10 -18.94
C HIS B 235 0.91 -10.36 -18.85
N SER B 236 -0.03 -10.71 -19.74
CA SER B 236 -1.40 -10.23 -19.59
C SER B 236 -2.19 -11.26 -18.79
N PRO B 237 -2.74 -10.92 -17.63
CA PRO B 237 -3.32 -11.93 -16.75
C PRO B 237 -4.76 -12.29 -17.10
N LEU B 238 -5.07 -13.57 -16.98
CA LEU B 238 -6.45 -14.01 -16.98
C LEU B 238 -7.13 -13.55 -15.70
N HIS B 239 -8.34 -13.00 -15.83
CA HIS B 239 -9.05 -12.52 -14.66
C HIS B 239 -10.55 -12.63 -14.87
N ARG B 240 -11.27 -12.58 -13.77
CA ARG B 240 -12.72 -12.72 -13.74
C ARG B 240 -13.23 -11.97 -12.51
N VAL B 241 -14.54 -11.98 -12.32
CA VAL B 241 -15.15 -11.39 -11.14
C VAL B 241 -15.95 -12.47 -10.43
N THR B 242 -15.66 -12.67 -9.15
CA THR B 242 -16.41 -13.58 -8.29
C THR B 242 -16.80 -12.82 -7.03
N LEU B 243 -18.08 -12.51 -6.90
CA LEU B 243 -18.57 -11.91 -5.66
C LEU B 243 -18.42 -12.89 -4.51
N VAL B 244 -17.97 -12.41 -3.36
CA VAL B 244 -17.73 -13.25 -2.21
C VAL B 244 -18.56 -12.79 -1.00
N ALA B 245 -19.57 -11.97 -1.24
CA ALA B 245 -20.48 -11.52 -0.20
C ALA B 245 -21.79 -11.13 -0.87
N ASN B 246 -22.87 -11.18 -0.08
CA ASN B 246 -24.19 -10.84 -0.59
C ASN B 246 -24.33 -9.32 -0.69
N GLN B 247 -23.59 -8.76 -1.64
CA GLN B 247 -23.45 -7.32 -1.76
C GLN B 247 -23.34 -6.94 -3.23
N ALA B 248 -24.10 -5.92 -3.63
CA ALA B 248 -23.99 -5.38 -4.99
C ALA B 248 -22.62 -4.72 -5.18
N ARG B 249 -22.22 -4.59 -6.44
CA ARG B 249 -20.89 -4.12 -6.78
C ARG B 249 -20.97 -3.23 -8.01
N LEU B 250 -20.15 -2.18 -8.03
CA LEU B 250 -19.95 -1.36 -9.22
C LEU B 250 -18.46 -1.06 -9.36
N SER B 251 -17.90 -1.38 -10.52
CA SER B 251 -16.49 -1.14 -10.79
C SER B 251 -16.34 0.04 -11.73
N THR B 252 -15.29 0.84 -11.51
CA THR B 252 -14.91 1.93 -12.38
C THR B 252 -13.56 1.56 -13.01
N SER B 253 -13.53 1.44 -14.33
CA SER B 253 -12.33 0.97 -15.02
C SER B 253 -11.92 1.93 -16.12
N SER B 254 -10.62 2.18 -16.23
CA SER B 254 -10.05 3.04 -17.24
C SER B 254 -9.16 2.19 -18.15
N PHE B 255 -9.45 2.20 -19.44
CA PHE B 255 -8.72 1.42 -20.44
C PHE B 255 -8.01 2.37 -21.40
N SER B 256 -6.80 2.00 -21.80
CA SER B 256 -6.10 2.67 -22.90
C SER B 256 -6.00 1.72 -24.09
N PHE B 257 -6.16 2.27 -25.29
CA PHE B 257 -6.07 1.50 -26.52
C PHE B 257 -5.24 2.28 -27.54
N PRO B 258 -4.48 1.60 -28.38
CA PRO B 258 -3.71 2.31 -29.41
C PRO B 258 -4.60 2.79 -30.54
N LYS B 259 -4.27 3.97 -31.07
CA LYS B 259 -4.91 4.47 -32.29
C LYS B 259 -4.30 3.84 -33.53
N ASP B 260 -3.00 3.53 -33.49
CA ASP B 260 -2.32 2.93 -34.63
C ASP B 260 -2.40 1.40 -34.56
N ILE B 261 -2.00 0.77 -35.66
CA ILE B 261 -1.79 -0.66 -35.67
C ILE B 261 -0.75 -1.03 -34.62
N ILE B 262 -1.00 -2.12 -33.90
CA ILE B 262 -0.05 -2.62 -32.91
C ILE B 262 1.08 -3.34 -33.64
N GLU B 263 2.31 -2.95 -33.38
CA GLU B 263 3.47 -3.60 -33.97
C GLU B 263 4.52 -3.83 -32.89
N THR B 264 5.05 -5.05 -32.83
CA THR B 264 6.12 -5.34 -31.89
C THR B 264 7.42 -4.71 -32.37
N PRO B 265 8.10 -3.92 -31.53
CA PRO B 265 9.38 -3.34 -31.95
C PRO B 265 10.44 -4.41 -32.15
N ALA B 266 11.22 -4.25 -33.22
CA ALA B 266 12.27 -5.21 -33.54
C ALA B 266 13.25 -5.40 -32.38
N GLU B 267 13.45 -4.38 -31.56
CA GLU B 267 14.36 -4.46 -30.43
C GLU B 267 13.96 -5.54 -29.42
N LEU B 268 12.69 -5.91 -29.38
CA LEU B 268 12.21 -6.91 -28.43
C LEU B 268 12.12 -8.31 -29.05
N VAL B 269 12.63 -8.49 -30.26
CA VAL B 269 12.71 -9.79 -30.91
C VAL B 269 14.18 -10.19 -30.94
N ASP B 270 14.48 -11.39 -30.44
CA ASP B 270 15.84 -11.90 -30.50
C ASP B 270 15.79 -13.42 -30.66
N GLU B 271 16.96 -14.06 -30.53
CA GLU B 271 17.06 -15.49 -30.78
C GLU B 271 16.14 -16.31 -29.87
N GLU B 272 16.09 -15.98 -28.59
CA GLU B 272 15.26 -16.71 -27.64
C GLU B 272 13.83 -16.19 -27.59
N HIS B 273 13.56 -14.99 -28.12
CA HIS B 273 12.23 -14.42 -28.20
C HIS B 273 11.88 -14.13 -29.65
N PRO B 274 11.61 -15.15 -30.46
CA PRO B 274 11.14 -14.90 -31.83
C PRO B 274 9.81 -14.18 -31.81
N LEU B 275 9.51 -13.49 -32.92
CA LEU B 275 8.30 -12.69 -33.01
C LEU B 275 7.07 -13.55 -32.83
N LEU B 276 6.25 -13.22 -31.83
CA LEU B 276 5.04 -13.98 -31.55
C LEU B 276 3.84 -13.49 -32.35
N PHE B 277 3.73 -12.17 -32.56
CA PHE B 277 2.54 -11.60 -33.18
C PHE B 277 2.92 -10.61 -34.28
N ASN B 278 2.35 -10.83 -35.45
CA ASN B 278 2.41 -9.88 -36.55
C ASN B 278 1.55 -8.66 -36.21
N PRO B 279 1.67 -7.57 -36.97
CA PRO B 279 0.86 -6.38 -36.68
C PRO B 279 -0.64 -6.68 -36.81
N PHE B 280 -1.43 -6.01 -35.96
CA PHE B 280 -2.87 -6.19 -35.97
C PHE B 280 -3.55 -4.91 -35.52
N GLU B 281 -4.85 -4.85 -35.74
CA GLU B 281 -5.67 -3.67 -35.45
C GLU B 281 -6.56 -3.97 -34.24
N ILE B 282 -6.54 -3.06 -33.26
CA ILE B 282 -7.25 -3.35 -32.00
C ILE B 282 -8.75 -3.40 -32.22
N THR B 283 -9.29 -2.48 -33.02
CA THR B 283 -10.74 -2.46 -33.23
CA THR B 283 -10.75 -2.45 -33.24
C THR B 283 -11.23 -3.75 -33.88
N GLU B 284 -10.46 -4.28 -34.82
CA GLU B 284 -10.83 -5.54 -35.45
C GLU B 284 -10.70 -6.70 -34.46
N LEU B 285 -9.65 -6.70 -33.63
CA LEU B 285 -9.47 -7.77 -32.65
C LEU B 285 -10.60 -7.80 -31.63
N LEU B 286 -10.97 -6.63 -31.11
CA LEU B 286 -12.02 -6.58 -30.10
C LEU B 286 -13.36 -7.04 -30.68
N ALA B 287 -13.67 -6.61 -31.90
CA ALA B 287 -14.90 -7.07 -32.56
C ALA B 287 -14.89 -8.60 -32.71
N TYR B 288 -13.74 -9.15 -33.11
CA TYR B 288 -13.63 -10.59 -33.28
C TYR B 288 -13.88 -11.32 -31.97
N CYS B 289 -13.36 -10.80 -30.86
CA CYS B 289 -13.47 -11.47 -29.57
C CYS B 289 -14.91 -11.53 -29.07
N PHE B 290 -15.78 -10.63 -29.52
CA PHE B 290 -17.17 -10.62 -29.07
C PHE B 290 -18.11 -11.28 -30.06
N THR B 291 -17.59 -12.12 -30.95
CA THR B 291 -18.40 -12.99 -31.80
C THR B 291 -18.26 -14.42 -31.31
N LYS B 292 -19.18 -15.27 -31.79
CA LYS B 292 -19.13 -16.68 -31.39
C LYS B 292 -17.89 -17.37 -31.92
N GLU B 293 -17.53 -17.11 -33.18
CA GLU B 293 -16.36 -17.75 -33.78
C GLU B 293 -15.06 -17.30 -33.13
N GLY B 294 -15.02 -16.12 -32.54
CA GLY B 294 -13.80 -15.56 -31.99
C GLY B 294 -13.65 -15.67 -30.49
N ALA B 295 -14.52 -16.40 -29.80
CA ALA B 295 -14.43 -16.51 -28.34
C ALA B 295 -13.09 -17.09 -27.91
N LYS B 296 -12.47 -17.92 -28.75
CA LYS B 296 -11.20 -18.55 -28.39
C LYS B 296 -10.10 -17.52 -28.15
N ALA B 297 -10.17 -16.36 -28.81
CA ALA B 297 -9.18 -15.32 -28.64
C ALA B 297 -9.39 -14.50 -27.38
N VAL B 298 -10.53 -14.67 -26.70
CA VAL B 298 -10.82 -13.88 -25.49
C VAL B 298 -9.77 -14.15 -24.42
N CYS B 299 -9.40 -15.42 -24.24
CA CYS B 299 -8.45 -15.81 -23.19
C CYS B 299 -7.04 -16.03 -23.70
N ASP B 300 -6.81 -15.92 -25.01
CA ASP B 300 -5.48 -16.23 -25.55
C ASP B 300 -5.34 -15.51 -26.89
N LEU B 301 -4.43 -14.53 -26.96
CA LEU B 301 -4.18 -13.85 -28.22
C LEU B 301 -3.56 -14.78 -29.26
N LYS B 302 -2.95 -15.89 -28.83
CA LYS B 302 -2.39 -16.84 -29.78
C LYS B 302 -3.47 -17.46 -30.67
N GLN B 303 -4.73 -17.43 -30.24
CA GLN B 303 -5.84 -17.91 -31.05
C GLN B 303 -6.27 -16.91 -32.11
N TYR B 304 -5.69 -15.71 -32.12
CA TYR B 304 -5.98 -14.70 -33.13
C TYR B 304 -5.06 -14.88 -34.32
N LYS B 305 -5.52 -14.41 -35.49
CA LYS B 305 -4.77 -14.59 -36.72
C LYS B 305 -3.39 -13.93 -36.69
N ALA B 306 -3.17 -12.97 -35.79
CA ALA B 306 -1.88 -12.29 -35.72
C ALA B 306 -0.77 -13.20 -35.25
N TYR B 307 -1.09 -14.29 -34.57
CA TYR B 307 -0.09 -15.19 -34.02
C TYR B 307 0.73 -15.83 -35.13
N THR B 308 2.06 -15.80 -34.97
CA THR B 308 2.97 -16.32 -35.98
C THR B 308 3.17 -17.83 -35.90
N GLY B 309 2.82 -18.46 -34.77
CA GLY B 309 3.18 -19.83 -34.53
C GLY B 309 4.54 -20.03 -33.90
N ALA B 310 5.30 -18.96 -33.70
CA ALA B 310 6.63 -19.08 -33.11
C ALA B 310 6.53 -19.53 -31.66
N LEU B 311 7.63 -20.11 -31.17
CA LEU B 311 7.68 -20.63 -29.82
C LEU B 311 7.86 -19.51 -28.81
N GLU B 312 7.12 -19.59 -27.71
CA GLU B 312 7.33 -18.66 -26.62
C GLU B 312 8.72 -18.86 -26.01
N HIS B 313 9.13 -17.90 -25.18
CA HIS B 313 10.49 -17.85 -24.68
C HIS B 313 10.88 -19.12 -23.95
N HIS B 314 10.02 -19.60 -23.05
CA HIS B 314 10.35 -20.79 -22.26
C HIS B 314 10.45 -22.05 -23.11
N HIS B 315 10.04 -22.01 -24.37
CA HIS B 315 10.13 -23.17 -25.26
C HIS B 315 11.29 -23.07 -26.23
N HIS B 316 12.16 -22.07 -26.10
CA HIS B 316 13.31 -21.97 -26.97
C HIS B 316 14.20 -23.19 -26.79
N HIS B 317 14.64 -23.77 -27.90
CA HIS B 317 15.36 -25.04 -27.87
C HIS B 317 16.85 -24.78 -27.66
N HIS B 318 17.31 -25.04 -26.44
CA HIS B 318 18.73 -25.02 -26.12
C HIS B 318 19.00 -26.03 -25.00
#